data_4U5N
#
_entry.id   4U5N
#
_cell.length_a   78.501
_cell.length_b   91.080
_cell.length_c   98.965
_cell.angle_alpha   90.000
_cell.angle_beta   90.000
_cell.angle_gamma   90.000
#
_symmetry.space_group_name_H-M   'P 21 21 21'
#
loop_
_entity.id
_entity.type
_entity.pdbx_description
1 polymer 'Importin subunit alpha-1'
2 non-polymer N~2~-[4-(pyridin-3-yl)benzyl]-L-lysyl-N-[(1R,2S,3R)-1-{[(2R)-1-amino-1-oxo-3-phenylpropan-2-yl]amino}-1,3-dihydroxybutan-2-yl]glycinamide
3 water water
#
_entity_poly.entity_id   1
_entity_poly.type   'polypeptide(L)'
_entity_poly.pdbx_seq_one_letter_code
;GTVNWSVEDIVKGINSNNLESQLQATQAARKLLSREKQPPIDNIIRAGLIPKFVSFLGKTDCSPIQFESAWALTNIASGT
SEQTKAVVDGGAIPAFISLLASPHAHISEQAVWALGNIAGDGSAFRDLVIKHGAIDPLLALLAVPDLSTLACGYLRNLTW
TLSNLCRNKNPAPPLDAVEQILPTLVRLLHHNDPEVLADSCWAISYLTDGPNERIEMVVKKGVVPQLVKLLGATELPIVT
PALRAIGNIVTGTDEQTQKVIDAGALAVFPSLLTNPKTNIQKEATWTMSNITAGRQDQIQQVVNHGLVPFLVGVLSKADF
KTQKEAAWAITNYTSGGTVEQIVYLVHCGIIEPLMNLLSAKDTKIIQVILDAISNIFQAAEKLGETEKLSIMIEECGGLD
KIEALQRHENESVYKASLNLIEKYFS
;
_entity_poly.pdbx_strand_id   A
#
loop_
_chem_comp.id
_chem_comp.type
_chem_comp.name
_chem_comp.formula
3D4 non-polymer N~2~-[4-(pyridin-3-yl)benzyl]-L-lysyl-N-[(1R,2S,3R)-1-{[(2R)-1-amino-1-oxo-3-phenylpropan-2-yl]amino}-1,3-dihydroxybutan-2-yl]glycinamide 'C33 H45 N7 O5'
#
# COMPACT_ATOMS: atom_id res chain seq x y z
N GLY A 1 15.22 4.13 -39.81
CA GLY A 1 16.66 4.22 -40.07
C GLY A 1 17.51 4.16 -38.81
N THR A 2 16.87 4.19 -37.64
CA THR A 2 17.56 4.03 -36.36
C THR A 2 17.21 2.67 -35.71
N VAL A 3 16.79 1.71 -36.54
CA VAL A 3 16.48 0.35 -36.08
C VAL A 3 17.78 -0.49 -36.01
N ASN A 4 17.95 -1.22 -34.90
CA ASN A 4 19.02 -2.21 -34.76
C ASN A 4 20.48 -1.75 -34.66
N TRP A 5 20.76 -0.53 -34.23
CA TRP A 5 22.16 -0.16 -34.12
C TRP A 5 22.86 -1.00 -33.08
N SER A 6 24.15 -1.24 -33.30
CA SER A 6 25.01 -1.81 -32.28
C SER A 6 25.42 -0.71 -31.29
N VAL A 7 25.91 -1.11 -30.12
CA VAL A 7 26.35 -0.14 -29.12
C VAL A 7 27.58 0.59 -29.61
N GLU A 8 28.45 -0.14 -30.30
CA GLU A 8 29.65 0.46 -30.89
C GLU A 8 29.28 1.58 -31.91
N ASP A 9 28.26 1.36 -32.73
CA ASP A 9 27.78 2.39 -33.65
C ASP A 9 27.24 3.62 -32.90
N ILE A 10 26.40 3.34 -31.91
CA ILE A 10 25.86 4.38 -31.04
C ILE A 10 26.97 5.21 -30.45
N VAL A 11 28.01 4.56 -29.94
CA VAL A 11 29.12 5.27 -29.33
C VAL A 11 29.84 6.12 -30.36
N LYS A 12 30.11 5.52 -31.52
CA LYS A 12 30.72 6.28 -32.63
C LYS A 12 29.90 7.54 -32.92
N GLY A 13 28.60 7.35 -33.09
CA GLY A 13 27.71 8.47 -33.37
C GLY A 13 27.72 9.52 -32.28
N ILE A 14 27.68 9.09 -31.02
CA ILE A 14 27.57 10.04 -29.93
C ILE A 14 28.89 10.80 -29.76
N ASN A 15 29.99 10.15 -30.10
CA ASN A 15 31.32 10.76 -29.99
C ASN A 15 31.73 11.66 -31.14
N SER A 16 30.92 11.73 -32.19
CA SER A 16 31.22 12.60 -33.31
C SER A 16 31.07 14.03 -32.88
N ASN A 17 31.63 14.98 -33.61
CA ASN A 17 31.43 16.36 -33.20
C ASN A 17 30.26 17.01 -33.94
N ASN A 18 29.18 16.25 -34.06
CA ASN A 18 28.12 16.60 -35.00
C ASN A 18 26.78 16.39 -34.33
N LEU A 19 26.13 17.51 -34.01
CA LEU A 19 24.89 17.47 -33.26
C LEU A 19 23.85 16.57 -33.92
N GLU A 20 23.77 16.59 -35.24
CA GLU A 20 22.83 15.69 -35.94
C GLU A 20 23.18 14.22 -35.82
N SER A 21 24.46 13.89 -35.94
CA SER A 21 24.92 12.51 -35.77
C SER A 21 24.67 12.07 -34.34
N GLN A 22 24.93 12.97 -33.41
CA GLN A 22 24.62 12.69 -32.01
C GLN A 22 23.13 12.43 -31.82
N LEU A 23 22.30 13.28 -32.38
CA LEU A 23 20.86 13.07 -32.30
C LEU A 23 20.46 11.70 -32.85
N GLN A 24 21.08 11.31 -33.96
CA GLN A 24 20.73 10.05 -34.61
C GLN A 24 21.13 8.85 -33.74
N ALA A 25 22.36 8.88 -33.22
CA ALA A 25 22.83 7.86 -32.28
C ALA A 25 22.00 7.83 -30.99
N THR A 26 21.60 8.99 -30.49
CA THR A 26 20.81 9.03 -29.26
C THR A 26 19.49 8.34 -29.49
N GLN A 27 18.81 8.70 -30.57
CA GLN A 27 17.57 8.04 -30.95
C GLN A 27 17.74 6.53 -31.13
N ALA A 28 18.78 6.14 -31.86
CA ALA A 28 19.14 4.73 -31.95
C ALA A 28 19.30 4.11 -30.56
N ALA A 29 19.97 4.82 -29.66
CA ALA A 29 20.13 4.33 -28.29
C ALA A 29 18.78 4.16 -27.60
N ARG A 30 17.92 5.15 -27.74
CA ARG A 30 16.59 5.09 -27.15
C ARG A 30 15.84 3.85 -27.63
N LYS A 31 15.95 3.53 -28.92
CA LYS A 31 15.19 2.43 -29.48
C LYS A 31 15.70 1.09 -28.97
N LEU A 32 17.02 0.95 -28.91
CA LEU A 32 17.63 -0.21 -28.25
C LEU A 32 17.12 -0.42 -26.83
N LEU A 33 17.18 0.64 -26.03
CA LEU A 33 16.78 0.55 -24.63
C LEU A 33 15.28 0.35 -24.46
N SER A 34 14.52 0.51 -25.55
CA SER A 34 13.08 0.36 -25.51
C SER A 34 12.61 -1.05 -25.88
N ARG A 35 13.48 -1.85 -26.49
CA ARG A 35 13.03 -3.14 -27.00
C ARG A 35 12.63 -4.06 -25.84
N GLU A 36 11.63 -4.90 -26.09
CA GLU A 36 10.99 -5.69 -25.04
C GLU A 36 11.90 -6.74 -24.42
N LYS A 37 12.55 -7.53 -25.27
CA LYS A 37 13.39 -8.59 -24.74
C LYS A 37 14.79 -8.08 -24.44
N GLN A 38 15.13 -8.09 -23.15
CA GLN A 38 16.50 -7.89 -22.67
C GLN A 38 17.20 -6.68 -23.29
N PRO A 39 16.68 -5.47 -23.00
CA PRO A 39 17.37 -4.26 -23.46
C PRO A 39 18.75 -4.20 -22.82
N PRO A 40 19.79 -3.91 -23.62
CA PRO A 40 21.17 -3.92 -23.14
C PRO A 40 21.52 -2.69 -22.31
N ILE A 41 20.80 -2.46 -21.22
CA ILE A 41 21.06 -1.31 -20.37
C ILE A 41 22.51 -1.29 -19.88
N ASP A 42 23.00 -2.43 -19.42
CA ASP A 42 24.33 -2.48 -18.84
C ASP A 42 25.43 -2.21 -19.86
N ASN A 43 25.21 -2.61 -21.11
CA ASN A 43 26.20 -2.33 -22.15
C ASN A 43 26.31 -0.83 -22.43
N ILE A 44 25.14 -0.20 -22.51
CA ILE A 44 25.02 1.22 -22.68
C ILE A 44 25.74 1.95 -21.54
N ILE A 45 25.53 1.48 -20.31
CA ILE A 45 26.15 2.08 -19.13
C ILE A 45 27.65 1.94 -19.18
N ARG A 46 28.10 0.72 -19.43
CA ARG A 46 29.54 0.42 -19.57
C ARG A 46 30.23 1.24 -20.65
N ALA A 47 29.50 1.63 -21.69
CA ALA A 47 30.08 2.42 -22.78
C ALA A 47 30.27 3.89 -22.40
N GLY A 48 29.88 4.29 -21.19
CA GLY A 48 30.08 5.66 -20.76
C GLY A 48 29.09 6.67 -21.33
N LEU A 49 27.93 6.19 -21.75
CA LEU A 49 26.96 7.04 -22.44
C LEU A 49 26.09 7.93 -21.54
N ILE A 50 25.87 7.51 -20.28
CA ILE A 50 25.02 8.30 -19.37
C ILE A 50 25.44 9.78 -19.25
N PRO A 51 26.73 10.06 -18.98
CA PRO A 51 27.12 11.47 -18.93
C PRO A 51 26.83 12.25 -20.20
N LYS A 52 26.95 11.61 -21.36
CA LYS A 52 26.66 12.31 -22.62
C LYS A 52 25.16 12.56 -22.75
N PHE A 53 24.35 11.57 -22.38
CA PHE A 53 22.91 11.71 -22.40
C PHE A 53 22.51 12.86 -21.51
N VAL A 54 23.10 12.90 -20.32
CA VAL A 54 22.76 13.93 -19.37
C VAL A 54 23.12 15.31 -19.92
N SER A 55 24.28 15.44 -20.55
CA SER A 55 24.64 16.74 -21.09
C SER A 55 23.69 17.12 -22.24
N PHE A 56 23.18 16.12 -22.98
CA PHE A 56 22.21 16.41 -24.03
C PHE A 56 20.91 17.00 -23.47
N LEU A 57 20.62 16.75 -22.19
CA LEU A 57 19.41 17.31 -21.57
C LEU A 57 19.43 18.83 -21.55
N GLY A 58 20.62 19.41 -21.53
CA GLY A 58 20.76 20.85 -21.46
C GLY A 58 20.73 21.55 -22.81
N LYS A 59 20.64 20.79 -23.90
CA LYS A 59 20.68 21.40 -25.22
C LYS A 59 19.34 22.03 -25.58
N THR A 60 19.08 23.20 -24.98
CA THR A 60 17.85 23.95 -25.22
C THR A 60 17.61 24.21 -26.70
N ASP A 61 18.71 24.43 -27.42
CA ASP A 61 18.66 24.70 -28.85
C ASP A 61 18.25 23.48 -29.69
N CYS A 62 18.37 22.27 -29.13
CA CYS A 62 18.00 21.07 -29.89
C CYS A 62 17.02 20.18 -29.10
N SER A 63 15.76 20.62 -29.02
CA SER A 63 14.74 19.91 -28.27
C SER A 63 14.58 18.42 -28.67
N PRO A 64 14.74 18.07 -29.96
CA PRO A 64 14.63 16.63 -30.21
C PRO A 64 15.70 15.77 -29.49
N ILE A 65 16.90 16.30 -29.27
CA ILE A 65 17.91 15.47 -28.63
C ILE A 65 17.73 15.55 -27.11
N GLN A 66 17.11 16.61 -26.62
CA GLN A 66 16.66 16.65 -25.24
C GLN A 66 15.66 15.54 -24.99
N PHE A 67 14.71 15.39 -25.90
CA PHE A 67 13.68 14.38 -25.78
C PHE A 67 14.21 12.95 -25.87
N GLU A 68 15.04 12.67 -26.88
CA GLU A 68 15.60 11.31 -27.06
C GLU A 68 16.50 10.88 -25.91
N SER A 69 17.35 11.78 -25.43
CA SER A 69 18.21 11.43 -24.31
C SER A 69 17.40 11.32 -23.00
N ALA A 70 16.36 12.12 -22.84
CA ALA A 70 15.48 11.98 -21.67
C ALA A 70 14.85 10.61 -21.67
N TRP A 71 14.34 10.21 -22.83
CA TRP A 71 13.69 8.91 -22.98
C TRP A 71 14.68 7.76 -22.73
N ALA A 72 15.87 7.88 -23.33
CA ALA A 72 16.91 6.90 -23.14
C ALA A 72 17.26 6.75 -21.65
N LEU A 73 17.47 7.87 -20.96
CA LEU A 73 17.84 7.83 -19.54
C LEU A 73 16.75 7.23 -18.68
N THR A 74 15.53 7.54 -19.07
CA THR A 74 14.36 7.06 -18.41
C THR A 74 14.27 5.55 -18.49
N ASN A 75 14.56 5.00 -19.67
CA ASN A 75 14.58 3.55 -19.82
C ASN A 75 15.58 2.94 -18.87
N ILE A 76 16.76 3.56 -18.78
CA ILE A 76 17.77 3.10 -17.85
C ILE A 76 17.31 3.25 -16.39
N ALA A 77 16.78 4.42 -16.03
CA ALA A 77 16.39 4.67 -14.63
C ALA A 77 15.20 3.83 -14.19
N SER A 78 14.48 3.24 -15.13
CA SER A 78 13.36 2.37 -14.80
C SER A 78 13.80 0.91 -14.65
N GLY A 79 15.11 0.67 -14.67
CA GLY A 79 15.63 -0.66 -14.47
C GLY A 79 15.91 -0.95 -13.02
N THR A 80 17.05 -1.57 -12.73
CA THR A 80 17.42 -1.94 -11.38
C THR A 80 17.91 -0.75 -10.57
N SER A 81 18.20 -0.99 -9.29
CA SER A 81 18.72 0.06 -8.43
C SER A 81 20.12 0.52 -8.83
N GLU A 82 20.94 -0.38 -9.34
CA GLU A 82 22.28 0.07 -9.70
C GLU A 82 22.18 0.88 -10.98
N GLN A 83 21.31 0.46 -11.89
CA GLN A 83 21.07 1.20 -13.12
C GLN A 83 20.52 2.62 -12.85
N THR A 84 19.53 2.71 -11.97
CA THR A 84 19.03 4.00 -11.49
C THR A 84 20.11 4.86 -10.88
N LYS A 85 20.97 4.23 -10.07
CA LYS A 85 22.08 4.93 -9.42
C LYS A 85 23.04 5.52 -10.46
N ALA A 86 23.29 4.74 -11.51
CA ALA A 86 24.16 5.21 -12.58
C ALA A 86 23.58 6.49 -13.21
N VAL A 87 22.27 6.53 -13.38
CA VAL A 87 21.63 7.73 -13.89
C VAL A 87 21.78 8.90 -12.91
N VAL A 88 21.56 8.64 -11.63
CA VAL A 88 21.71 9.70 -10.64
C VAL A 88 23.16 10.16 -10.55
N ASP A 89 24.09 9.20 -10.60
CA ASP A 89 25.52 9.59 -10.53
C ASP A 89 26.00 10.36 -11.75
N GLY A 90 25.30 10.23 -12.88
CA GLY A 90 25.63 11.03 -14.05
C GLY A 90 25.08 12.45 -13.98
N GLY A 91 24.49 12.83 -12.85
CA GLY A 91 23.99 14.19 -12.64
C GLY A 91 22.59 14.47 -13.20
N ALA A 92 21.85 13.41 -13.49
CA ALA A 92 20.53 13.52 -14.13
C ALA A 92 19.50 14.31 -13.35
N ILE A 93 19.55 14.29 -12.01
CA ILE A 93 18.42 14.82 -11.25
C ILE A 93 18.20 16.33 -11.51
N PRO A 94 19.23 17.18 -11.30
CA PRO A 94 18.91 18.58 -11.57
C PRO A 94 18.59 18.84 -13.05
N ALA A 95 19.18 18.04 -13.94
CA ALA A 95 18.94 18.28 -15.37
C ALA A 95 17.48 17.94 -15.70
N PHE A 96 16.95 16.88 -15.09
CA PHE A 96 15.54 16.57 -15.27
C PHE A 96 14.64 17.59 -14.62
N ILE A 97 15.02 18.10 -13.44
CA ILE A 97 14.17 19.12 -12.82
C ILE A 97 14.09 20.37 -13.70
N SER A 98 15.22 20.82 -14.25
CA SER A 98 15.19 21.91 -15.25
C SER A 98 14.24 21.67 -16.41
N LEU A 99 14.13 20.42 -16.87
CA LEU A 99 13.26 20.07 -17.98
C LEU A 99 11.78 20.10 -17.65
N LEU A 100 11.43 20.14 -16.37
CA LEU A 100 10.01 20.22 -16.02
C LEU A 100 9.39 21.50 -16.58
N ALA A 101 10.24 22.50 -16.80
CA ALA A 101 9.84 23.83 -17.25
C ALA A 101 9.83 23.95 -18.77
N SER A 102 10.26 22.89 -19.45
CA SER A 102 10.30 22.86 -20.91
C SER A 102 8.95 23.22 -21.53
N PRO A 103 8.98 24.08 -22.57
CA PRO A 103 7.77 24.48 -23.32
C PRO A 103 7.18 23.34 -24.13
N HIS A 104 7.93 22.28 -24.33
CA HIS A 104 7.44 21.12 -25.06
C HIS A 104 6.87 20.08 -24.09
N ALA A 105 5.58 19.80 -24.21
CA ALA A 105 4.91 18.91 -23.26
C ALA A 105 5.55 17.53 -23.24
N HIS A 106 5.89 16.99 -24.40
CA HIS A 106 6.42 15.62 -24.44
C HIS A 106 7.78 15.54 -23.74
N ILE A 107 8.49 16.66 -23.65
CA ILE A 107 9.77 16.68 -22.96
C ILE A 107 9.57 16.83 -21.44
N SER A 108 8.69 17.76 -21.07
CA SER A 108 8.33 17.92 -19.67
C SER A 108 7.77 16.61 -19.10
N GLU A 109 6.90 15.95 -19.85
CA GLU A 109 6.32 14.67 -19.43
C GLU A 109 7.39 13.59 -19.22
N GLN A 110 8.43 13.63 -20.03
CA GLN A 110 9.47 12.63 -19.98
C GLN A 110 10.29 12.83 -18.70
N ALA A 111 10.53 14.10 -18.37
CA ALA A 111 11.22 14.48 -17.14
C ALA A 111 10.42 14.07 -15.90
N VAL A 112 9.09 14.24 -15.96
CA VAL A 112 8.20 13.82 -14.90
C VAL A 112 8.39 12.35 -14.64
N TRP A 113 8.32 11.58 -15.72
CA TRP A 113 8.45 10.13 -15.65
C TRP A 113 9.82 9.68 -15.12
N ALA A 114 10.89 10.41 -15.50
CA ALA A 114 12.23 10.05 -15.07
C ALA A 114 12.41 10.28 -13.55
N LEU A 115 11.90 11.41 -13.06
CA LEU A 115 11.99 11.74 -11.64
C LEU A 115 11.17 10.75 -10.81
N GLY A 116 10.04 10.32 -11.34
CA GLY A 116 9.24 9.29 -10.69
C GLY A 116 10.00 7.98 -10.52
N ASN A 117 10.78 7.60 -11.53
CA ASN A 117 11.53 6.35 -11.47
C ASN A 117 12.69 6.46 -10.49
N ILE A 118 13.34 7.62 -10.50
CA ILE A 118 14.44 7.84 -9.60
C ILE A 118 13.93 7.91 -8.17
N ALA A 119 12.88 8.70 -7.94
CA ALA A 119 12.35 8.83 -6.58
C ALA A 119 11.76 7.50 -6.07
N GLY A 120 11.20 6.72 -6.98
CA GLY A 120 10.60 5.45 -6.58
C GLY A 120 11.62 4.38 -6.20
N ASP A 121 12.90 4.62 -6.50
CA ASP A 121 13.90 3.61 -6.25
C ASP A 121 14.13 3.33 -4.75
N GLY A 122 14.02 4.36 -3.93
CA GLY A 122 14.28 4.18 -2.52
C GLY A 122 14.14 5.49 -1.78
N SER A 123 14.15 5.38 -0.46
CA SER A 123 14.08 6.52 0.42
C SER A 123 15.16 7.57 0.16
N ALA A 124 16.39 7.15 -0.07
CA ALA A 124 17.48 8.13 -0.21
C ALA A 124 17.36 8.89 -1.53
N PHE A 125 17.07 8.20 -2.63
CA PHE A 125 16.90 8.91 -3.90
C PHE A 125 15.63 9.78 -3.87
N ARG A 126 14.58 9.31 -3.21
CA ARG A 126 13.37 10.09 -3.08
C ARG A 126 13.71 11.44 -2.44
N ASP A 127 14.44 11.38 -1.34
CA ASP A 127 14.79 12.57 -0.59
C ASP A 127 15.78 13.43 -1.36
N LEU A 128 16.62 12.81 -2.20
CA LEU A 128 17.57 13.59 -3.00
C LEU A 128 16.82 14.39 -4.06
N VAL A 129 15.81 13.76 -4.64
CA VAL A 129 14.94 14.42 -5.62
C VAL A 129 14.19 15.60 -5.00
N ILE A 130 13.72 15.40 -3.78
CA ILE A 130 13.05 16.47 -3.06
C ILE A 130 14.04 17.60 -2.73
N LYS A 131 15.26 17.24 -2.31
CA LYS A 131 16.29 18.25 -2.00
C LYS A 131 16.69 19.08 -3.23
N HIS A 132 16.69 18.47 -4.40
CA HIS A 132 16.99 19.22 -5.61
C HIS A 132 15.81 20.11 -6.05
N GLY A 133 14.73 20.12 -5.27
CA GLY A 133 13.62 21.02 -5.52
C GLY A 133 12.61 20.57 -6.57
N ALA A 134 12.38 19.27 -6.70
CA ALA A 134 11.43 18.77 -7.68
C ALA A 134 9.98 19.15 -7.39
N ILE A 135 9.61 19.23 -6.13
CA ILE A 135 8.19 19.33 -5.79
C ILE A 135 7.49 20.58 -6.37
N ASP A 136 8.08 21.77 -6.18
CA ASP A 136 7.48 23.02 -6.68
C ASP A 136 7.15 22.98 -8.19
N PRO A 137 8.14 22.64 -9.05
CA PRO A 137 7.73 22.61 -10.46
C PRO A 137 6.82 21.43 -10.79
N LEU A 138 6.90 20.34 -10.04
CA LEU A 138 5.94 19.27 -10.27
C LEU A 138 4.52 19.79 -9.95
N LEU A 139 4.35 20.41 -8.80
CA LEU A 139 3.02 20.91 -8.40
C LEU A 139 2.55 22.03 -9.32
N ALA A 140 3.49 22.84 -9.81
CA ALA A 140 3.16 23.95 -10.67
C ALA A 140 2.51 23.45 -11.95
N LEU A 141 2.93 22.29 -12.42
CA LEU A 141 2.34 21.68 -13.62
C LEU A 141 0.87 21.29 -13.44
N LEU A 142 0.42 21.17 -12.19
CA LEU A 142 -0.96 20.79 -11.91
C LEU A 142 -1.77 21.99 -11.45
N ALA A 143 -1.16 23.18 -11.51
CA ALA A 143 -1.82 24.39 -11.01
C ALA A 143 -2.75 24.99 -12.05
N VAL A 144 -3.85 24.28 -12.31
CA VAL A 144 -4.89 24.75 -13.21
C VAL A 144 -6.22 24.73 -12.48
N PRO A 145 -7.20 25.55 -12.92
CA PRO A 145 -8.51 25.57 -12.24
C PRO A 145 -9.26 24.23 -12.29
N ASP A 146 -9.19 23.51 -13.41
CA ASP A 146 -9.82 22.20 -13.59
C ASP A 146 -8.83 21.20 -14.19
N LEU A 147 -8.62 20.09 -13.49
CA LEU A 147 -7.66 19.09 -13.92
C LEU A 147 -8.03 18.50 -15.28
N SER A 148 -9.30 18.61 -15.64
CA SER A 148 -9.80 18.00 -16.86
C SER A 148 -9.24 18.61 -18.15
N THR A 149 -8.63 19.79 -18.04
CA THR A 149 -8.10 20.42 -19.23
C THR A 149 -6.69 19.91 -19.55
N LEU A 150 -6.13 19.10 -18.67
CA LEU A 150 -4.82 18.49 -18.89
C LEU A 150 -4.96 17.20 -19.69
N ALA A 151 -3.99 16.92 -20.54
CA ALA A 151 -4.00 15.65 -21.27
C ALA A 151 -4.00 14.50 -20.27
N CYS A 152 -4.80 13.48 -20.56
CA CYS A 152 -4.98 12.36 -19.66
C CYS A 152 -3.66 11.64 -19.31
N GLY A 153 -2.83 11.34 -20.31
CA GLY A 153 -1.57 10.66 -20.08
C GLY A 153 -0.62 11.51 -19.25
N TYR A 154 -0.62 12.80 -19.54
CA TYR A 154 0.17 13.75 -18.80
C TYR A 154 -0.19 13.71 -17.30
N LEU A 155 -1.48 13.80 -17.02
CA LEU A 155 -1.97 13.83 -15.65
C LEU A 155 -1.65 12.53 -14.91
N ARG A 156 -1.75 11.41 -15.62
CA ARG A 156 -1.43 10.10 -15.04
C ARG A 156 0.03 9.95 -14.65
N ASN A 157 0.93 10.50 -15.47
CA ASN A 157 2.35 10.47 -15.16
C ASN A 157 2.66 11.36 -13.96
N LEU A 158 2.09 12.55 -13.93
CA LEU A 158 2.28 13.42 -12.76
C LEU A 158 1.81 12.75 -11.49
N THR A 159 0.64 12.12 -11.53
CA THR A 159 0.09 11.48 -10.33
C THR A 159 0.99 10.34 -9.92
N TRP A 160 1.40 9.52 -10.87
CA TRP A 160 2.30 8.44 -10.58
C TRP A 160 3.59 8.95 -9.92
N THR A 161 4.17 9.99 -10.47
CA THR A 161 5.40 10.52 -9.91
C THR A 161 5.18 11.10 -8.52
N LEU A 162 4.05 11.78 -8.32
CA LEU A 162 3.74 12.31 -7.00
C LEU A 162 3.63 11.17 -6.00
N SER A 163 3.05 10.06 -6.42
CA SER A 163 2.85 8.96 -5.48
C SER A 163 4.19 8.33 -5.10
N ASN A 164 5.16 8.35 -6.02
CA ASN A 164 6.49 7.84 -5.66
C ASN A 164 7.25 8.73 -4.67
N LEU A 165 7.02 10.04 -4.72
CA LEU A 165 7.57 10.93 -3.70
C LEU A 165 7.01 10.67 -2.30
N CYS A 166 5.87 9.99 -2.23
CA CYS A 166 5.19 9.69 -0.96
C CYS A 166 5.58 8.31 -0.44
N ARG A 167 6.29 7.58 -1.27
CA ARG A 167 6.50 6.16 -1.06
C ARG A 167 7.75 5.86 -0.23
N ASN A 168 7.79 4.65 0.35
CA ASN A 168 8.93 4.10 1.09
C ASN A 168 9.07 4.64 2.52
N LYS A 169 9.80 3.89 3.33
CA LYS A 169 9.93 4.19 4.74
C LYS A 169 11.40 4.11 5.13
N ASN A 170 11.67 4.31 6.41
CA ASN A 170 13.03 4.36 6.94
C ASN A 170 14.01 5.20 6.13
N PRO A 171 13.80 6.51 6.15
CA PRO A 171 12.68 7.20 6.81
C PRO A 171 11.48 7.36 5.87
N ALA A 172 10.34 7.77 6.42
CA ALA A 172 9.21 8.24 5.65
C ALA A 172 9.57 9.59 5.05
N PRO A 173 8.81 10.09 4.05
CA PRO A 173 9.23 11.35 3.44
C PRO A 173 9.17 12.50 4.46
N PRO A 174 9.96 13.57 4.24
CA PRO A 174 9.97 14.69 5.18
C PRO A 174 8.57 15.25 5.41
N LEU A 175 8.24 15.58 6.65
CA LEU A 175 6.94 16.15 6.96
C LEU A 175 6.58 17.35 6.09
N ASP A 176 7.56 18.22 5.90
CA ASP A 176 7.42 19.42 5.09
CA ASP A 176 7.37 19.42 5.09
C ASP A 176 6.92 19.08 3.67
N ALA A 177 7.55 18.09 3.04
CA ALA A 177 7.23 17.67 1.68
C ALA A 177 5.84 17.05 1.57
N VAL A 178 5.49 16.21 2.54
CA VAL A 178 4.14 15.67 2.58
C VAL A 178 3.11 16.81 2.59
N GLU A 179 3.32 17.81 3.44
CA GLU A 179 2.34 18.90 3.55
C GLU A 179 2.24 19.69 2.26
N GLN A 180 3.37 19.83 1.58
CA GLN A 180 3.39 20.57 0.34
C GLN A 180 2.55 19.83 -0.70
N ILE A 181 2.70 18.51 -0.71
CA ILE A 181 2.07 17.67 -1.71
C ILE A 181 0.59 17.37 -1.41
N LEU A 182 0.24 17.28 -0.13
CA LEU A 182 -1.08 16.77 0.26
C LEU A 182 -2.28 17.45 -0.39
N PRO A 183 -2.31 18.80 -0.46
CA PRO A 183 -3.49 19.41 -1.09
C PRO A 183 -3.69 19.05 -2.57
N THR A 184 -2.60 18.82 -3.30
CA THR A 184 -2.72 18.48 -4.72
C THR A 184 -3.21 17.05 -4.83
N LEU A 185 -2.67 16.21 -3.97
CA LEU A 185 -3.07 14.84 -3.85
C LEU A 185 -4.55 14.67 -3.49
N VAL A 186 -5.07 15.50 -2.59
CA VAL A 186 -6.47 15.42 -2.21
C VAL A 186 -7.29 15.78 -3.44
N ARG A 187 -6.76 16.71 -4.21
CA ARG A 187 -7.42 17.10 -5.43
C ARG A 187 -7.47 15.97 -6.48
N LEU A 188 -6.36 15.25 -6.60
CA LEU A 188 -6.26 14.20 -7.62
C LEU A 188 -7.16 13.03 -7.19
N LEU A 189 -7.37 12.94 -5.88
CA LEU A 189 -8.19 11.91 -5.29
C LEU A 189 -9.67 12.13 -5.62
N HIS A 190 -9.99 13.29 -6.13
CA HIS A 190 -11.36 13.58 -6.57
C HIS A 190 -11.47 13.68 -8.10
N HIS A 191 -10.44 13.26 -8.82
CA HIS A 191 -10.46 13.37 -10.29
C HIS A 191 -11.16 12.16 -10.88
N ASN A 192 -11.79 12.29 -12.04
CA ASN A 192 -12.48 11.12 -12.58
C ASN A 192 -11.66 10.48 -13.70
N ASP A 193 -10.63 9.78 -13.28
CA ASP A 193 -9.87 8.90 -14.15
C ASP A 193 -9.39 7.76 -13.28
N PRO A 194 -9.77 6.53 -13.64
CA PRO A 194 -9.47 5.37 -12.79
C PRO A 194 -8.00 5.28 -12.41
N GLU A 195 -7.10 5.54 -13.35
CA GLU A 195 -5.69 5.41 -13.04
C GLU A 195 -5.18 6.51 -12.12
N VAL A 196 -5.67 7.72 -12.30
CA VAL A 196 -5.28 8.80 -11.42
C VAL A 196 -5.79 8.50 -10.01
N LEU A 197 -7.02 7.99 -9.90
CA LEU A 197 -7.59 7.61 -8.61
C LEU A 197 -6.79 6.48 -7.97
N ALA A 198 -6.44 5.47 -8.75
CA ALA A 198 -5.63 4.39 -8.22
C ALA A 198 -4.33 4.92 -7.60
N ASP A 199 -3.56 5.68 -8.37
CA ASP A 199 -2.25 6.15 -7.91
C ASP A 199 -2.33 7.17 -6.75
N SER A 200 -3.39 7.99 -6.75
CA SER A 200 -3.68 8.86 -5.61
C SER A 200 -3.93 8.02 -4.37
N CYS A 201 -4.74 6.97 -4.52
CA CYS A 201 -5.01 6.10 -3.38
C CYS A 201 -3.73 5.46 -2.89
N TRP A 202 -2.89 4.96 -3.81
CA TRP A 202 -1.61 4.42 -3.38
C TRP A 202 -0.82 5.44 -2.57
N ALA A 203 -0.81 6.68 -3.04
CA ALA A 203 -0.08 7.74 -2.36
C ALA A 203 -0.59 7.90 -0.92
N ILE A 204 -1.90 8.01 -0.76
CA ILE A 204 -2.50 8.18 0.57
C ILE A 204 -2.18 6.95 1.43
N SER A 205 -2.20 5.78 0.82
CA SER A 205 -1.93 4.56 1.55
C SER A 205 -0.48 4.55 2.07
N TYR A 206 0.47 5.03 1.27
CA TYR A 206 1.84 5.22 1.76
C TYR A 206 1.95 6.23 2.93
N LEU A 207 1.27 7.38 2.80
CA LEU A 207 1.39 8.43 3.80
C LEU A 207 0.74 8.02 5.11
N THR A 208 -0.25 7.12 5.06
CA THR A 208 -0.91 6.66 6.27
C THR A 208 -0.24 5.41 6.82
N ASP A 209 0.79 4.91 6.14
CA ASP A 209 1.53 3.78 6.66
C ASP A 209 2.61 4.25 7.63
N GLY A 210 2.20 4.66 8.83
CA GLY A 210 3.15 5.14 9.80
C GLY A 210 2.50 5.41 11.14
N PRO A 211 3.17 6.21 11.96
CA PRO A 211 2.69 6.61 13.29
C PRO A 211 1.47 7.53 13.19
N ASN A 212 0.68 7.58 14.25
CA ASN A 212 -0.62 8.26 14.24
C ASN A 212 -0.55 9.74 13.84
N GLU A 213 0.59 10.38 14.05
CA GLU A 213 0.78 11.77 13.63
C GLU A 213 0.76 11.91 12.11
N ARG A 214 1.37 10.96 11.42
CA ARG A 214 1.31 11.02 9.97
C ARG A 214 -0.08 10.67 9.45
N ILE A 215 -0.71 9.68 10.07
CA ILE A 215 -2.12 9.41 9.80
C ILE A 215 -2.98 10.66 9.97
N GLU A 216 -2.72 11.40 11.04
CA GLU A 216 -3.51 12.59 11.39
C GLU A 216 -3.45 13.64 10.30
N MET A 217 -2.23 13.85 9.81
CA MET A 217 -1.93 14.85 8.80
C MET A 217 -2.76 14.62 7.52
N VAL A 218 -3.00 13.35 7.19
CA VAL A 218 -3.86 13.01 6.06
C VAL A 218 -5.34 13.14 6.40
N VAL A 219 -5.71 12.58 7.54
CA VAL A 219 -7.11 12.55 7.96
C VAL A 219 -7.64 13.98 8.19
N LYS A 220 -6.80 14.88 8.66
CA LYS A 220 -7.26 16.26 8.89
C LYS A 220 -7.50 17.00 7.56
N LYS A 221 -7.03 16.43 6.45
CA LYS A 221 -7.31 16.99 5.12
C LYS A 221 -8.68 16.55 4.60
N GLY A 222 -9.37 15.71 5.36
CA GLY A 222 -10.74 15.32 5.03
C GLY A 222 -10.94 14.30 3.90
N VAL A 223 -9.94 13.46 3.65
CA VAL A 223 -9.99 12.48 2.57
C VAL A 223 -10.81 11.21 2.87
N VAL A 224 -11.11 10.96 4.14
CA VAL A 224 -11.72 9.67 4.49
C VAL A 224 -13.05 9.39 3.76
N PRO A 225 -13.96 10.39 3.68
CA PRO A 225 -15.20 10.08 2.94
C PRO A 225 -14.93 9.68 1.48
N GLN A 226 -13.93 10.32 0.86
CA GLN A 226 -13.60 9.97 -0.51
C GLN A 226 -12.98 8.57 -0.59
N LEU A 227 -12.15 8.23 0.39
CA LEU A 227 -11.56 6.88 0.43
C LEU A 227 -12.65 5.81 0.54
N VAL A 228 -13.64 6.08 1.39
CA VAL A 228 -14.71 5.13 1.57
C VAL A 228 -15.49 4.98 0.29
N LYS A 229 -15.75 6.10 -0.38
CA LYS A 229 -16.42 6.01 -1.68
C LYS A 229 -15.58 5.15 -2.63
N LEU A 230 -14.27 5.39 -2.70
CA LEU A 230 -13.43 4.62 -3.62
C LEU A 230 -13.38 3.17 -3.19
N LEU A 231 -13.53 2.97 -1.89
CA LEU A 231 -13.55 1.62 -1.33
C LEU A 231 -14.70 0.84 -1.94
N GLY A 232 -15.73 1.53 -2.39
CA GLY A 232 -16.86 0.87 -3.03
C GLY A 232 -16.80 0.79 -4.54
N ALA A 233 -15.67 1.17 -5.14
CA ALA A 233 -15.55 1.16 -6.59
C ALA A 233 -15.66 -0.26 -7.12
N THR A 234 -15.87 -0.40 -8.44
CA THR A 234 -15.94 -1.69 -9.07
C THR A 234 -14.57 -2.12 -9.57
N GLU A 235 -13.70 -1.14 -9.81
CA GLU A 235 -12.35 -1.41 -10.27
C GLU A 235 -11.46 -1.84 -9.11
N LEU A 236 -10.99 -3.08 -9.17
CA LEU A 236 -10.01 -3.60 -8.24
C LEU A 236 -8.72 -2.77 -8.13
N PRO A 237 -8.25 -2.14 -9.23
CA PRO A 237 -7.05 -1.30 -9.04
C PRO A 237 -7.31 -0.08 -8.17
N ILE A 238 -8.57 0.25 -7.94
CA ILE A 238 -8.90 1.33 -7.04
C ILE A 238 -9.22 0.82 -5.64
N VAL A 239 -9.94 -0.29 -5.55
CA VAL A 239 -10.36 -0.79 -4.26
C VAL A 239 -9.15 -1.17 -3.44
N THR A 240 -8.19 -1.84 -4.08
CA THR A 240 -7.02 -2.35 -3.39
C THR A 240 -6.24 -1.26 -2.60
N PRO A 241 -5.91 -0.12 -3.24
CA PRO A 241 -5.22 0.86 -2.38
C PRO A 241 -6.15 1.64 -1.45
N ALA A 242 -7.41 1.86 -1.82
CA ALA A 242 -8.33 2.54 -0.93
C ALA A 242 -8.46 1.74 0.37
N LEU A 243 -8.53 0.41 0.24
CA LEU A 243 -8.62 -0.45 1.41
C LEU A 243 -7.30 -0.51 2.20
N ARG A 244 -6.18 -0.53 1.51
CA ARG A 244 -4.90 -0.43 2.21
C ARG A 244 -4.86 0.87 3.03
N ALA A 245 -5.30 1.97 2.42
CA ALA A 245 -5.30 3.27 3.11
C ALA A 245 -6.25 3.28 4.31
N ILE A 246 -7.45 2.75 4.09
CA ILE A 246 -8.45 2.66 5.17
C ILE A 246 -7.90 1.75 6.26
N GLY A 247 -7.30 0.63 5.86
CA GLY A 247 -6.65 -0.26 6.80
C GLY A 247 -5.58 0.44 7.63
N ASN A 248 -4.81 1.35 7.03
CA ASN A 248 -3.77 2.03 7.78
C ASN A 248 -4.35 3.03 8.78
N ILE A 249 -5.39 3.74 8.36
CA ILE A 249 -6.02 4.72 9.23
C ILE A 249 -6.61 4.09 10.49
N VAL A 250 -7.23 2.91 10.38
CA VAL A 250 -7.81 2.32 11.57
C VAL A 250 -6.75 1.70 12.50
N THR A 251 -5.49 1.68 12.09
CA THR A 251 -4.43 1.33 13.07
C THR A 251 -4.11 2.53 13.98
N GLY A 252 -4.82 3.63 13.77
CA GLY A 252 -4.57 4.85 14.53
C GLY A 252 -5.34 4.95 15.83
N THR A 253 -5.64 6.17 16.23
CA THR A 253 -6.36 6.39 17.47
C THR A 253 -7.83 6.04 17.28
N ASP A 254 -8.55 5.94 18.38
CA ASP A 254 -9.97 5.68 18.34
C ASP A 254 -10.69 6.80 17.60
N GLU A 255 -10.19 8.02 17.72
CA GLU A 255 -10.79 9.15 17.00
C GLU A 255 -10.58 9.06 15.50
N GLN A 256 -9.38 8.68 15.07
CA GLN A 256 -9.10 8.47 13.66
C GLN A 256 -9.89 7.30 13.10
N THR A 257 -10.00 6.22 13.88
CA THR A 257 -10.84 5.09 13.50
C THR A 257 -12.31 5.53 13.36
N GLN A 258 -12.77 6.37 14.28
CA GLN A 258 -14.17 6.80 14.27
C GLN A 258 -14.53 7.54 13.01
N LYS A 259 -13.56 8.24 12.41
CA LYS A 259 -13.87 9.00 11.19
C LYS A 259 -14.13 8.05 10.03
N VAL A 260 -13.41 6.94 10.02
CA VAL A 260 -13.66 5.89 9.05
C VAL A 260 -15.08 5.32 9.19
N ILE A 261 -15.49 5.04 10.42
CA ILE A 261 -16.83 4.52 10.67
C ILE A 261 -17.92 5.56 10.34
N ASP A 262 -17.70 6.81 10.72
CA ASP A 262 -18.66 7.90 10.40
C ASP A 262 -18.86 8.10 8.90
N ALA A 263 -17.82 7.79 8.13
CA ALA A 263 -17.86 7.95 6.69
C ALA A 263 -18.68 6.84 6.02
N GLY A 264 -19.05 5.82 6.79
CA GLY A 264 -19.87 4.72 6.27
C GLY A 264 -19.11 3.48 5.79
N ALA A 265 -17.86 3.31 6.23
CA ALA A 265 -17.03 2.23 5.70
C ALA A 265 -17.62 0.84 5.95
N LEU A 266 -18.23 0.66 7.12
CA LEU A 266 -18.67 -0.66 7.51
C LEU A 266 -19.72 -1.24 6.55
N ALA A 267 -20.48 -0.38 5.88
CA ALA A 267 -21.49 -0.82 4.91
C ALA A 267 -20.89 -1.53 3.70
N VAL A 268 -19.61 -1.29 3.45
CA VAL A 268 -18.97 -1.90 2.28
C VAL A 268 -18.42 -3.28 2.64
N PHE A 269 -18.29 -3.56 3.93
CA PHE A 269 -17.56 -4.74 4.33
C PHE A 269 -18.24 -6.11 4.14
N PRO A 270 -19.57 -6.17 4.06
CA PRO A 270 -20.05 -7.50 3.66
C PRO A 270 -19.47 -7.97 2.31
N SER A 271 -19.33 -7.07 1.33
CA SER A 271 -18.80 -7.50 0.05
C SER A 271 -17.30 -7.73 0.15
N LEU A 272 -16.60 -6.87 0.90
CA LEU A 272 -15.14 -7.03 1.02
C LEU A 272 -14.77 -8.33 1.73
N LEU A 273 -15.51 -8.69 2.78
CA LEU A 273 -15.18 -9.89 3.54
C LEU A 273 -15.60 -11.17 2.81
N THR A 274 -16.29 -11.04 1.68
CA THR A 274 -16.59 -12.20 0.85
C THR A 274 -16.01 -12.01 -0.56
N ASN A 275 -15.13 -11.03 -0.71
CA ASN A 275 -14.54 -10.76 -2.01
C ASN A 275 -13.77 -11.96 -2.59
N PRO A 276 -13.97 -12.25 -3.88
CA PRO A 276 -13.31 -13.41 -4.52
C PRO A 276 -11.80 -13.24 -4.62
N LYS A 277 -11.31 -12.00 -4.57
CA LYS A 277 -9.87 -11.75 -4.56
C LYS A 277 -9.30 -11.90 -3.13
N THR A 278 -8.38 -12.84 -2.96
CA THR A 278 -7.90 -13.25 -1.65
C THR A 278 -7.27 -12.12 -0.85
N ASN A 279 -6.46 -11.30 -1.51
CA ASN A 279 -5.83 -10.13 -0.91
CA ASN A 279 -5.83 -10.22 -0.78
C ASN A 279 -6.82 -9.12 -0.32
N ILE A 280 -7.94 -8.92 -1.00
CA ILE A 280 -8.96 -7.98 -0.54
C ILE A 280 -9.63 -8.49 0.74
N GLN A 281 -10.05 -9.75 0.70
CA GLN A 281 -10.65 -10.43 1.84
C GLN A 281 -9.68 -10.37 3.03
N LYS A 282 -8.40 -10.60 2.76
CA LYS A 282 -7.39 -10.61 3.81
C LYS A 282 -7.23 -9.21 4.42
N GLU A 283 -7.11 -8.19 3.58
CA GLU A 283 -6.92 -6.84 4.10
C GLU A 283 -8.20 -6.26 4.70
N ALA A 284 -9.35 -6.76 4.24
CA ALA A 284 -10.62 -6.37 4.84
C ALA A 284 -10.70 -6.91 6.27
N THR A 285 -10.19 -8.12 6.47
CA THR A 285 -10.29 -8.75 7.78
C THR A 285 -9.30 -8.10 8.73
N TRP A 286 -8.11 -7.84 8.23
CA TRP A 286 -7.12 -7.06 8.96
C TRP A 286 -7.73 -5.77 9.45
N THR A 287 -8.40 -5.06 8.55
CA THR A 287 -9.07 -3.82 8.88
C THR A 287 -10.07 -4.04 10.01
N MET A 288 -10.82 -5.15 9.97
CA MET A 288 -11.81 -5.43 11.03
C MET A 288 -11.13 -5.70 12.35
N SER A 289 -9.98 -6.39 12.29
CA SER A 289 -9.23 -6.71 13.49
C SER A 289 -8.77 -5.44 14.18
N ASN A 290 -8.58 -4.37 13.43
CA ASN A 290 -8.21 -3.09 14.04
C ASN A 290 -9.42 -2.33 14.54
N ILE A 291 -10.53 -2.46 13.85
CA ILE A 291 -11.76 -1.85 14.36
C ILE A 291 -12.26 -2.60 15.61
N THR A 292 -12.10 -3.91 15.69
CA THR A 292 -12.62 -4.60 16.87
C THR A 292 -11.72 -4.39 18.08
N ALA A 293 -10.57 -3.78 17.85
CA ALA A 293 -9.67 -3.36 18.92
C ALA A 293 -9.99 -1.96 19.41
N GLY A 294 -11.09 -1.39 18.93
CA GLY A 294 -11.49 -0.06 19.33
C GLY A 294 -12.32 -0.04 20.61
N ARG A 295 -13.02 1.06 20.82
CA ARG A 295 -13.92 1.19 21.95
C ARG A 295 -15.14 0.29 21.79
N GLN A 296 -15.80 0.04 22.91
CA GLN A 296 -17.00 -0.79 22.90
C GLN A 296 -18.10 -0.25 22.00
N ASP A 297 -18.22 1.07 21.87
CA ASP A 297 -19.21 1.62 20.96
C ASP A 297 -18.80 1.39 19.49
N GLN A 298 -17.52 1.15 19.25
CA GLN A 298 -17.05 0.85 17.90
C GLN A 298 -17.22 -0.62 17.59
N ILE A 299 -16.90 -1.49 18.55
CA ILE A 299 -17.33 -2.89 18.48
C ILE A 299 -18.84 -2.96 18.26
N GLN A 300 -19.59 -2.08 18.91
CA GLN A 300 -21.04 -2.11 18.76
C GLN A 300 -21.48 -1.75 17.34
N GLN A 301 -20.70 -0.95 16.63
CA GLN A 301 -21.15 -0.53 15.31
C GLN A 301 -20.89 -1.66 14.34
N VAL A 302 -19.88 -2.47 14.64
CA VAL A 302 -19.62 -3.70 13.89
C VAL A 302 -20.79 -4.66 14.05
N VAL A 303 -21.27 -4.82 15.28
CA VAL A 303 -22.43 -5.63 15.54
C VAL A 303 -23.63 -5.12 14.76
N ASN A 304 -23.89 -3.83 14.84
CA ASN A 304 -25.09 -3.25 14.22
C ASN A 304 -25.12 -3.36 12.72
N HIS A 305 -23.94 -3.40 12.09
CA HIS A 305 -23.88 -3.49 10.63
C HIS A 305 -23.97 -4.93 10.15
N GLY A 306 -24.14 -5.84 11.09
CA GLY A 306 -24.27 -7.26 10.76
C GLY A 306 -22.97 -7.92 10.39
N LEU A 307 -21.85 -7.42 10.89
CA LEU A 307 -20.56 -7.92 10.42
C LEU A 307 -20.02 -9.11 11.18
N VAL A 308 -20.59 -9.41 12.34
CA VAL A 308 -20.09 -10.54 13.12
C VAL A 308 -20.29 -11.87 12.36
N PRO A 309 -21.48 -12.08 11.77
CA PRO A 309 -21.58 -13.33 11.02
C PRO A 309 -20.58 -13.44 9.87
N PHE A 310 -20.17 -12.31 9.29
CA PHE A 310 -19.15 -12.38 8.23
C PHE A 310 -17.79 -12.73 8.83
N LEU A 311 -17.53 -12.29 10.06
CA LEU A 311 -16.29 -12.68 10.73
C LEU A 311 -16.31 -14.16 11.06
N VAL A 312 -17.45 -14.67 11.52
CA VAL A 312 -17.62 -16.11 11.68
C VAL A 312 -17.39 -16.85 10.35
N GLY A 313 -17.91 -16.30 9.26
CA GLY A 313 -17.72 -16.88 7.93
C GLY A 313 -16.25 -16.98 7.54
N VAL A 314 -15.52 -15.87 7.65
CA VAL A 314 -14.10 -15.84 7.31
C VAL A 314 -13.30 -16.81 8.19
N LEU A 315 -13.66 -16.87 9.46
CA LEU A 315 -12.98 -17.77 10.37
C LEU A 315 -13.24 -19.22 9.97
N SER A 316 -14.46 -19.49 9.50
CA SER A 316 -14.86 -20.84 9.13
C SER A 316 -14.11 -21.31 7.90
N LYS A 317 -14.13 -20.49 6.86
CA LYS A 317 -13.53 -20.89 5.60
C LYS A 317 -12.91 -19.69 4.92
N ALA A 318 -11.62 -19.79 4.67
CA ALA A 318 -10.90 -18.72 3.99
C ALA A 318 -9.47 -19.18 3.81
N ASP A 319 -8.76 -18.47 2.95
CA ASP A 319 -7.31 -18.54 2.87
C ASP A 319 -6.77 -18.47 4.30
N PHE A 320 -5.74 -19.26 4.60
CA PHE A 320 -5.27 -19.33 5.98
C PHE A 320 -4.79 -17.99 6.55
N LYS A 321 -4.11 -17.19 5.73
CA LYS A 321 -3.64 -15.88 6.19
C LYS A 321 -4.82 -14.99 6.60
N THR A 322 -5.92 -15.07 5.83
CA THR A 322 -7.14 -14.36 6.17
C THR A 322 -7.72 -14.88 7.47
N GLN A 323 -7.69 -16.19 7.67
CA GLN A 323 -8.22 -16.77 8.91
C GLN A 323 -7.43 -16.30 10.12
N LYS A 324 -6.11 -16.21 9.97
CA LYS A 324 -5.23 -15.63 10.99
C LYS A 324 -5.68 -14.19 11.36
N GLU A 325 -5.99 -13.39 10.34
CA GLU A 325 -6.55 -12.04 10.56
C GLU A 325 -7.88 -12.08 11.32
N ALA A 326 -8.73 -13.04 10.97
CA ALA A 326 -10.02 -13.17 11.64
C ALA A 326 -9.85 -13.56 13.10
N ALA A 327 -8.88 -14.43 13.36
CA ALA A 327 -8.59 -14.83 14.73
C ALA A 327 -8.23 -13.61 15.55
N TRP A 328 -7.34 -12.76 15.01
CA TRP A 328 -7.03 -11.49 15.65
C TRP A 328 -8.27 -10.64 15.90
N ALA A 329 -9.08 -10.44 14.88
CA ALA A 329 -10.32 -9.68 15.03
C ALA A 329 -11.15 -10.22 16.19
N ILE A 330 -11.19 -11.55 16.33
CA ILE A 330 -11.95 -12.18 17.42
C ILE A 330 -11.34 -11.95 18.80
N THR A 331 -10.03 -12.13 18.91
CA THR A 331 -9.36 -11.90 20.19
C THR A 331 -9.49 -10.45 20.59
N ASN A 332 -9.39 -9.55 19.63
CA ASN A 332 -9.52 -8.13 19.95
C ASN A 332 -10.94 -7.77 20.35
N TYR A 333 -11.90 -8.43 19.72
CA TYR A 333 -13.30 -8.21 20.02
C TYR A 333 -13.58 -8.71 21.42
N THR A 334 -13.08 -9.88 21.75
CA THR A 334 -13.37 -10.49 23.04
C THR A 334 -12.62 -9.78 24.15
N SER A 335 -11.45 -9.27 23.82
CA SER A 335 -10.66 -8.47 24.75
C SER A 335 -11.39 -7.21 25.20
N GLY A 336 -11.99 -6.48 24.26
CA GLY A 336 -12.57 -5.20 24.62
C GLY A 336 -14.09 -5.13 24.68
N GLY A 337 -14.79 -6.16 24.23
CA GLY A 337 -16.24 -6.10 24.16
C GLY A 337 -16.96 -6.21 25.50
N THR A 338 -18.17 -5.67 25.59
CA THR A 338 -19.02 -5.92 26.74
C THR A 338 -19.36 -7.40 26.82
N VAL A 339 -19.87 -7.83 27.98
CA VAL A 339 -20.32 -9.20 28.16
C VAL A 339 -21.42 -9.56 27.15
N GLU A 340 -22.35 -8.63 26.94
CA GLU A 340 -23.44 -8.83 26.00
C GLU A 340 -22.94 -8.94 24.53
N GLN A 341 -21.92 -8.17 24.19
CA GLN A 341 -21.32 -8.27 22.86
C GLN A 341 -20.60 -9.61 22.67
N ILE A 342 -19.94 -10.11 23.72
CA ILE A 342 -19.30 -11.42 23.65
C ILE A 342 -20.33 -12.58 23.58
N VAL A 343 -21.42 -12.45 24.34
CA VAL A 343 -22.52 -13.41 24.27
C VAL A 343 -23.06 -13.46 22.84
N TYR A 344 -23.24 -12.28 22.25
CA TYR A 344 -23.71 -12.20 20.88
C TYR A 344 -22.76 -12.93 19.93
N LEU A 345 -21.46 -12.76 20.18
CA LEU A 345 -20.42 -13.40 19.38
C LEU A 345 -20.56 -14.92 19.37
N VAL A 346 -20.75 -15.49 20.55
CA VAL A 346 -20.93 -16.93 20.70
C VAL A 346 -22.24 -17.41 20.07
N HIS A 347 -23.29 -16.62 20.23
CA HIS A 347 -24.59 -16.96 19.63
C HIS A 347 -24.52 -16.94 18.09
N CYS A 348 -23.56 -16.21 17.54
CA CYS A 348 -23.39 -16.20 16.08
C CYS A 348 -22.62 -17.42 15.60
N GLY A 349 -22.11 -18.24 16.51
CA GLY A 349 -21.43 -19.46 16.13
C GLY A 349 -19.91 -19.42 16.16
N ILE A 350 -19.32 -18.52 16.93
CA ILE A 350 -17.87 -18.37 16.87
C ILE A 350 -17.07 -19.58 17.36
N ILE A 351 -17.64 -20.35 18.28
CA ILE A 351 -16.87 -21.37 19.00
C ILE A 351 -16.32 -22.48 18.10
N GLU A 352 -17.19 -23.10 17.32
CA GLU A 352 -16.75 -24.24 16.52
C GLU A 352 -15.63 -23.88 15.53
N PRO A 353 -15.81 -22.85 14.68
CA PRO A 353 -14.69 -22.54 13.78
C PRO A 353 -13.42 -22.10 14.53
N LEU A 354 -13.61 -21.53 15.72
CA LEU A 354 -12.49 -21.13 16.56
C LEU A 354 -11.69 -22.36 16.99
N MET A 355 -12.40 -23.39 17.45
CA MET A 355 -11.78 -24.65 17.82
C MET A 355 -11.15 -25.38 16.64
N ASN A 356 -11.76 -25.32 15.46
CA ASN A 356 -11.23 -26.07 14.32
C ASN A 356 -9.86 -25.57 13.91
N LEU A 357 -9.61 -24.29 14.21
CA LEU A 357 -8.33 -23.67 13.89
C LEU A 357 -7.27 -23.93 14.97
N LEU A 358 -7.65 -24.64 16.02
CA LEU A 358 -6.64 -25.03 17.01
C LEU A 358 -5.74 -26.13 16.46
N SER A 359 -6.11 -26.65 15.29
CA SER A 359 -5.36 -27.72 14.62
C SER A 359 -4.33 -27.15 13.66
N ALA A 360 -4.27 -25.83 13.59
CA ALA A 360 -3.38 -25.17 12.65
C ALA A 360 -1.92 -25.31 13.09
N LYS A 361 -1.09 -25.78 12.17
CA LYS A 361 0.35 -25.82 12.40
C LYS A 361 0.91 -24.40 12.30
N ASP A 362 0.70 -23.63 13.36
CA ASP A 362 1.14 -22.25 13.46
C ASP A 362 1.02 -21.82 14.91
N THR A 363 2.11 -21.31 15.46
CA THR A 363 2.14 -21.07 16.89
C THR A 363 1.36 -19.81 17.26
N LYS A 364 1.57 -18.73 16.51
CA LYS A 364 0.95 -17.45 16.84
C LYS A 364 -0.58 -17.51 16.84
N ILE A 365 -1.18 -18.16 15.84
CA ILE A 365 -2.65 -18.16 15.78
C ILE A 365 -3.24 -18.98 16.92
N ILE A 366 -2.49 -19.94 17.43
CA ILE A 366 -2.97 -20.74 18.55
C ILE A 366 -3.00 -19.89 19.82
N GLN A 367 -1.90 -19.19 20.07
CA GLN A 367 -1.84 -18.26 21.19
C GLN A 367 -3.00 -17.30 21.12
N VAL A 368 -3.24 -16.77 19.93
CA VAL A 368 -4.30 -15.79 19.71
C VAL A 368 -5.67 -16.41 20.03
N ILE A 369 -5.92 -17.62 19.56
CA ILE A 369 -7.19 -18.29 19.80
C ILE A 369 -7.38 -18.66 21.27
N LEU A 370 -6.32 -19.21 21.87
CA LEU A 370 -6.35 -19.55 23.29
C LEU A 370 -6.61 -18.32 24.12
N ASP A 371 -5.99 -17.21 23.74
CA ASP A 371 -6.25 -15.97 24.44
C ASP A 371 -7.75 -15.61 24.28
N ALA A 372 -8.31 -15.75 23.07
CA ALA A 372 -9.72 -15.41 22.83
C ALA A 372 -10.68 -16.29 23.63
N ILE A 373 -10.41 -17.59 23.66
CA ILE A 373 -11.16 -18.53 24.49
C ILE A 373 -11.16 -18.09 25.94
N SER A 374 -10.00 -17.68 26.42
CA SER A 374 -9.86 -17.22 27.78
C SER A 374 -10.74 -15.98 28.05
N ASN A 375 -10.70 -15.02 27.14
CA ASN A 375 -11.58 -13.84 27.24
C ASN A 375 -13.05 -14.22 27.34
N ILE A 376 -13.44 -15.26 26.59
CA ILE A 376 -14.84 -15.64 26.54
C ILE A 376 -15.24 -16.32 27.84
N PHE A 377 -14.33 -17.12 28.40
CA PHE A 377 -14.57 -17.69 29.72
C PHE A 377 -14.71 -16.60 30.77
N GLN A 378 -13.87 -15.57 30.69
CA GLN A 378 -13.96 -14.46 31.64
C GLN A 378 -15.31 -13.75 31.53
N ALA A 379 -15.91 -13.77 30.35
CA ALA A 379 -17.25 -13.20 30.20
C ALA A 379 -18.27 -14.15 30.84
N ALA A 380 -18.07 -15.45 30.62
CA ALA A 380 -18.95 -16.47 31.18
C ALA A 380 -18.85 -16.50 32.70
N GLU A 381 -17.67 -16.18 33.23
CA GLU A 381 -17.46 -16.10 34.68
C GLU A 381 -18.38 -15.05 35.30
N LYS A 382 -18.45 -13.87 34.69
CA LYS A 382 -19.29 -12.79 35.22
C LYS A 382 -20.78 -13.15 35.20
N LEU A 383 -21.12 -14.22 34.49
CA LEU A 383 -22.50 -14.68 34.36
C LEU A 383 -22.70 -16.05 35.00
N GLY A 384 -21.64 -16.60 35.57
CA GLY A 384 -21.68 -17.93 36.15
C GLY A 384 -22.01 -19.04 35.17
N GLU A 385 -21.83 -18.79 33.88
CA GLU A 385 -22.15 -19.77 32.84
C GLU A 385 -20.89 -20.45 32.27
N THR A 386 -19.86 -20.56 33.10
CA THR A 386 -18.62 -21.18 32.65
C THR A 386 -18.83 -22.63 32.24
N GLU A 387 -19.70 -23.34 32.97
CA GLU A 387 -19.94 -24.74 32.70
C GLU A 387 -20.62 -24.96 31.36
N LYS A 388 -21.58 -24.10 31.03
CA LYS A 388 -22.30 -24.24 29.76
C LYS A 388 -21.34 -24.00 28.61
N LEU A 389 -20.44 -23.03 28.79
CA LEU A 389 -19.43 -22.77 27.78
C LEU A 389 -18.50 -23.96 27.62
N SER A 390 -18.19 -24.61 28.74
CA SER A 390 -17.34 -25.79 28.74
C SER A 390 -17.96 -26.92 27.92
N ILE A 391 -19.25 -27.17 28.15
CA ILE A 391 -19.97 -28.20 27.42
C ILE A 391 -19.96 -27.89 25.91
N MET A 392 -20.18 -26.62 25.57
CA MET A 392 -20.12 -26.15 24.17
C MET A 392 -18.80 -26.48 23.49
N ILE A 393 -17.71 -26.08 24.13
CA ILE A 393 -16.38 -26.33 23.58
C ILE A 393 -16.11 -27.83 23.48
N GLU A 394 -16.53 -28.59 24.49
CA GLU A 394 -16.36 -30.04 24.48
C GLU A 394 -17.11 -30.71 23.32
N GLU A 395 -18.39 -30.38 23.15
CA GLU A 395 -19.24 -31.09 22.21
C GLU A 395 -18.82 -30.89 20.75
N CYS A 396 -18.24 -29.74 20.42
CA CYS A 396 -17.76 -29.54 19.06
C CYS A 396 -16.32 -30.03 18.89
N GLY A 397 -15.86 -30.86 19.83
CA GLY A 397 -14.54 -31.48 19.73
C GLY A 397 -13.40 -30.55 20.08
N GLY A 398 -13.72 -29.42 20.70
CA GLY A 398 -12.73 -28.42 21.03
C GLY A 398 -11.83 -28.83 22.19
N LEU A 399 -12.38 -29.58 23.14
CA LEU A 399 -11.61 -30.03 24.30
C LEU A 399 -10.39 -30.84 23.88
N ASP A 400 -10.60 -31.84 23.02
CA ASP A 400 -9.50 -32.66 22.52
C ASP A 400 -8.42 -31.84 21.83
N LYS A 401 -8.83 -30.74 21.21
CA LYS A 401 -7.88 -29.85 20.57
C LYS A 401 -7.03 -29.13 21.61
N ILE A 402 -7.61 -28.89 22.78
CA ILE A 402 -6.93 -28.14 23.83
C ILE A 402 -5.97 -29.04 24.63
N GLU A 403 -6.40 -30.27 24.90
CA GLU A 403 -5.53 -31.22 25.58
C GLU A 403 -4.31 -31.54 24.73
N ALA A 404 -4.51 -31.67 23.43
CA ALA A 404 -3.42 -31.95 22.51
C ALA A 404 -2.37 -30.83 22.55
N LEU A 405 -2.81 -29.64 22.95
CA LEU A 405 -1.93 -28.48 23.04
C LEU A 405 -1.09 -28.51 24.33
N GLN A 406 -1.53 -29.33 25.29
CA GLN A 406 -0.66 -29.68 26.43
C GLN A 406 0.62 -30.27 25.84
N ARG A 407 0.45 -31.15 24.85
CA ARG A 407 1.55 -31.88 24.22
C ARG A 407 2.22 -31.08 23.11
N HIS A 408 2.52 -29.80 23.35
CA HIS A 408 2.96 -28.91 22.27
C HIS A 408 4.35 -28.33 22.52
N GLU A 409 5.10 -28.13 21.42
CA GLU A 409 6.49 -27.69 21.46
C GLU A 409 6.65 -26.38 22.24
N ASN A 410 6.10 -25.29 21.72
CA ASN A 410 6.13 -23.99 22.38
C ASN A 410 5.45 -24.07 23.74
N GLU A 411 5.87 -23.24 24.68
CA GLU A 411 5.36 -23.41 26.03
C GLU A 411 4.57 -22.18 26.50
N SER A 412 4.63 -21.11 25.72
CA SER A 412 3.66 -20.03 25.92
C SER A 412 2.26 -20.59 25.66
N VAL A 413 2.19 -21.57 24.75
CA VAL A 413 0.95 -22.24 24.37
C VAL A 413 0.57 -23.30 25.40
N TYR A 414 1.29 -24.42 25.36
CA TYR A 414 1.34 -25.48 26.37
C TYR A 414 0.65 -25.13 27.68
N LYS A 415 1.15 -24.05 28.25
CA LYS A 415 0.83 -23.64 29.60
C LYS A 415 -0.44 -22.80 29.66
N ALA A 416 -0.74 -22.12 28.55
CA ALA A 416 -1.99 -21.37 28.44
C ALA A 416 -3.16 -22.34 28.37
N SER A 417 -2.94 -23.43 27.64
CA SER A 417 -3.97 -24.45 27.45
C SER A 417 -4.15 -25.27 28.73
N LEU A 418 -3.11 -25.37 29.53
CA LEU A 418 -3.25 -26.07 30.80
C LEU A 418 -3.97 -25.25 31.84
N ASN A 419 -3.72 -23.95 31.85
CA ASN A 419 -4.52 -23.05 32.66
C ASN A 419 -6.02 -23.25 32.37
N LEU A 420 -6.35 -23.38 31.07
CA LEU A 420 -7.74 -23.57 30.64
C LEU A 420 -8.31 -24.92 31.08
N ILE A 421 -7.55 -25.98 30.87
CA ILE A 421 -7.98 -27.34 31.25
C ILE A 421 -8.31 -27.43 32.73
N GLU A 422 -7.34 -27.04 33.55
CA GLU A 422 -7.51 -27.11 35.00
C GLU A 422 -8.71 -26.28 35.45
N LYS A 423 -8.75 -25.03 34.99
CA LYS A 423 -9.73 -24.06 35.49
C LYS A 423 -11.16 -24.34 35.03
N TYR A 424 -11.35 -24.88 33.83
CA TYR A 424 -12.71 -25.02 33.31
C TYR A 424 -13.10 -26.42 32.87
N PHE A 425 -12.24 -27.40 33.14
CA PHE A 425 -12.57 -28.78 32.77
C PHE A 425 -12.25 -29.77 33.89
N SER A 426 -13.19 -29.87 34.84
CA SER A 426 -13.07 -30.57 36.13
C SER A 426 -11.65 -30.67 36.66
N 3D4 B . -3.86 -2.76 18.59
CA 3D4 B . -3.80 -2.11 17.27
CAA 3D4 B . 1.82 -6.22 12.93
CAI 3D4 B . -2.35 -7.56 5.06
CAJ 3D4 B . -2.15 -6.20 5.20
CAK 3D4 B . -1.66 -8.45 5.85
CAL 3D4 B . -1.32 -9.17 13.52
CAM 3D4 B . -2.14 -9.30 12.42
CAN 3D4 B . -1.27 -5.74 6.15
CAO 3D4 B . -0.76 -7.98 6.81
CAP 3D4 B . -1.73 -8.33 14.55
CAQ 3D4 B . -4.81 -4.93 16.21
CAR 3D4 B . -3.26 -5.91 17.77
CAS 3D4 B . -4.38 -5.79 15.20
CAT 3D4 B . -2.84 -6.79 16.78
CAU 3D4 B . -3.71 -7.86 13.28
CAZ 3D4 B . -1.50 -2.94 14.19
C 3D4 B . -2.54 -2.53 16.50
O 3D4 B . -1.56 -2.88 17.07
NAC 3D4 B . 1.78 -2.60 7.83
OAD 3D4 B . 1.11 -4.11 6.24
OAE 3D4 B . -3.07 -3.84 12.70
OAG 3D4 B . -0.24 -6.23 10.80
OAH 3D4 B . 1.78 -4.38 14.37
CB 3D4 B . -3.94 -0.59 17.31
CBA 3D4 B . -4.69 -3.99 18.58
CBB 3D4 B . 0.44 -6.11 8.00
CBH 3D4 B . 1.05 -3.79 7.38
CBI 3D4 B . -1.92 -3.74 12.95
CBK 3D4 B . 0.73 -5.21 10.80
CBL 3D4 B . -4.24 -4.98 17.48
CBM 3D4 B . -0.55 -6.62 6.96
CBN 3D4 B . -3.41 -6.73 15.51
CBO 3D4 B . -2.94 -7.67 14.42
CBP 3D4 B . 1.00 -5.23 13.36
CBR 3D4 B . 0.23 -4.62 8.36
CBS 3D4 B . 0.46 -4.48 12.12
NBC 3D4 B . -3.29 -8.67 12.33
NBD 3D4 B . -2.60 -2.54 15.04
NBF 3D4 B . -0.99 -4.43 12.06
NBG 3D4 B . 0.55 -4.21 9.74
CG 3D4 B . -5.35 -0.21 17.73
CD 3D4 B . -6.11 0.50 16.62
CE 3D4 B . -7.35 1.26 17.12
NZ 3D4 B . -8.30 1.42 16.05
#